data_3MGJ
#
_entry.id   3MGJ
#
_cell.length_a   39.370
_cell.length_b   65.395
_cell.length_c   76.929
_cell.angle_alpha   90.00
_cell.angle_beta   90.00
_cell.angle_gamma   90.00
#
_symmetry.space_group_name_H-M   'P 21 21 21'
#
loop_
_entity.id
_entity.type
_entity.pdbx_description
1 polymer 'Uncharacterized protein MJ1480'
2 water water
#
_entity_poly.entity_id   1
_entity_poly.type   'polypeptide(L)'
_entity_poly.pdbx_seq_one_letter_code
;(MSE)F(MSE)REIELRGHIIDSLILPKVFDKILD(MSE)GGDYKVLEFEIGKRKTDPSYAKILVIGRDERHVDEILNEL
RDLGAEIPEIEEVELQPAEKD(MSE)VLPEGFYSTTNHKTFIRFKGLEHHHHHH
;
_entity_poly.pdbx_strand_id   A,B
#
# COMPACT_ATOMS: atom_id res chain seq x y z
N PHE A 2 0.90 10.51 22.63
CA PHE A 2 -0.27 9.67 22.42
C PHE A 2 -0.27 8.92 21.07
N ARG A 4 -3.11 6.69 18.43
CA ARG A 4 -4.29 5.94 18.05
C ARG A 4 -4.08 5.32 16.69
N GLU A 5 -4.80 4.25 16.41
CA GLU A 5 -4.64 3.51 15.16
C GLU A 5 -5.84 3.80 14.27
N ILE A 6 -5.59 4.08 13.00
CA ILE A 6 -6.69 4.29 12.06
C ILE A 6 -6.62 3.30 10.93
N GLU A 7 -7.67 3.23 10.13
CA GLU A 7 -7.65 2.35 8.98
C GLU A 7 -8.27 3.03 7.78
N LEU A 8 -7.57 3.00 6.65
CA LEU A 8 -8.17 3.46 5.41
C LEU A 8 -8.72 2.25 4.72
N ARG A 9 -9.78 2.42 3.95
CA ARG A 9 -10.41 1.31 3.27
C ARG A 9 -10.86 1.76 1.89
N GLY A 10 -10.67 0.89 0.91
CA GLY A 10 -11.11 1.19 -0.45
C GLY A 10 -10.03 1.09 -1.50
N HIS A 11 -9.83 2.18 -2.22
CA HIS A 11 -8.86 2.24 -3.30
C HIS A 11 -7.60 2.96 -2.94
N ILE A 12 -6.86 2.37 -2.01
CA ILE A 12 -5.63 2.96 -1.51
C ILE A 12 -4.63 3.26 -2.62
N ILE A 13 -4.47 2.30 -3.52
CA ILE A 13 -3.50 2.39 -4.62
C ILE A 13 -4.10 2.99 -5.89
N ASP A 14 -3.35 3.89 -6.50
CA ASP A 14 -3.79 4.70 -7.65
C ASP A 14 -4.54 5.92 -7.11
N SER A 15 -4.47 6.08 -5.80
CA SER A 15 -4.94 7.27 -5.13
C SER A 15 -3.72 8.11 -4.76
N LEU A 16 -3.97 9.36 -4.37
CA LEU A 16 -2.95 10.14 -3.68
C LEU A 16 -3.25 10.14 -2.20
N ILE A 17 -4.27 9.36 -1.80
CA ILE A 17 -4.73 9.35 -0.41
C ILE A 17 -3.61 9.17 0.62
N LEU A 18 -2.74 8.20 0.38
CA LEU A 18 -1.69 7.92 1.34
C LEU A 18 -0.73 9.07 1.55
N PRO A 19 -0.19 9.63 0.46
CA PRO A 19 0.76 10.73 0.61
C PRO A 19 0.07 11.93 1.21
N LYS A 20 -1.24 12.01 1.03
CA LYS A 20 -2.00 13.09 1.60
C LYS A 20 -2.16 12.89 3.10
N VAL A 21 -2.62 11.72 3.52
CA VAL A 21 -2.68 11.40 4.93
C VAL A 21 -1.34 11.67 5.62
N PHE A 22 -0.26 11.11 5.08
CA PHE A 22 1.07 11.27 5.63
C PHE A 22 1.46 12.74 5.74
N ASP A 23 1.20 13.48 4.68
CA ASP A 23 1.55 14.88 4.64
C ASP A 23 0.85 15.65 5.72
N LYS A 24 -0.43 15.34 5.91
CA LYS A 24 -1.22 16.07 6.88
C LYS A 24 -0.74 15.82 8.29
N ILE A 25 -0.63 14.55 8.67
CA ILE A 25 0.02 14.17 9.92
C ILE A 25 1.36 14.92 10.13
N LEU A 26 2.31 14.79 9.19
CA LEU A 26 3.59 15.49 9.33
C LEU A 26 3.44 17.01 9.46
N ASP A 27 2.75 17.66 8.51
CA ASP A 27 2.40 19.08 8.69
C ASP A 27 1.97 19.44 10.12
N GLY A 29 2.66 18.03 12.90
CA GLY A 29 3.61 17.73 13.95
C GLY A 29 3.54 16.32 14.51
N GLY A 30 2.78 15.45 13.85
CA GLY A 30 2.77 14.05 14.25
C GLY A 30 3.70 13.19 13.41
N ASP A 31 3.77 11.92 13.77
CA ASP A 31 4.44 10.94 12.93
C ASP A 31 3.48 9.78 12.75
N TYR A 32 3.72 8.96 11.74
CA TYR A 32 2.89 7.83 11.47
C TYR A 32 3.77 6.63 11.20
N LYS A 33 3.16 5.46 11.27
CA LYS A 33 3.81 4.24 10.88
C LYS A 33 2.75 3.33 10.30
N VAL A 34 2.96 2.87 9.09
CA VAL A 34 2.05 1.92 8.48
C VAL A 34 2.25 0.55 9.10
N LEU A 35 1.18 0.00 9.66
CA LEU A 35 1.24 -1.25 10.42
C LEU A 35 0.92 -2.44 9.57
N GLU A 36 -0.18 -2.33 8.84
CA GLU A 36 -0.63 -3.40 7.96
C GLU A 36 -1.05 -2.86 6.61
N PHE A 37 -1.03 -3.72 5.61
CA PHE A 37 -1.55 -3.37 4.31
C PHE A 37 -2.07 -4.62 3.63
N GLU A 38 -3.36 -4.65 3.32
CA GLU A 38 -3.97 -5.83 2.72
C GLU A 38 -4.64 -5.50 1.39
N ILE A 39 -4.24 -6.19 0.32
CA ILE A 39 -4.86 -6.02 -1.00
C ILE A 39 -6.02 -7.00 -1.22
N GLY A 40 -7.06 -6.54 -1.92
CA GLY A 40 -8.21 -7.35 -2.27
C GLY A 40 -7.94 -8.34 -3.38
N LYS A 41 -8.77 -9.37 -3.50
CA LYS A 41 -8.51 -10.45 -4.44
C LYS A 41 -8.53 -10.02 -5.91
N ARG A 42 -9.36 -9.03 -6.22
CA ARG A 42 -9.40 -8.42 -7.54
C ARG A 42 -9.44 -6.92 -7.35
N LYS A 43 -8.86 -6.16 -8.27
CA LYS A 43 -8.70 -4.71 -8.14
C LYS A 43 -10.02 -3.98 -7.92
N THR A 44 -11.11 -4.73 -8.06
CA THR A 44 -12.44 -4.18 -7.94
C THR A 44 -12.85 -4.30 -6.47
N ASP A 45 -12.13 -5.13 -5.74
CA ASP A 45 -12.33 -5.23 -4.31
C ASP A 45 -11.50 -4.18 -3.57
N PRO A 46 -11.82 -3.96 -2.30
CA PRO A 46 -11.17 -2.92 -1.52
C PRO A 46 -9.89 -3.40 -0.84
N SER A 47 -8.90 -2.54 -0.77
CA SER A 47 -7.74 -2.85 0.05
C SER A 47 -7.90 -2.13 1.38
N TYR A 48 -7.02 -2.41 2.33
CA TYR A 48 -7.06 -1.63 3.54
C TYR A 48 -5.66 -1.38 4.09
N ALA A 49 -5.49 -0.26 4.76
CA ALA A 49 -4.24 0.04 5.42
C ALA A 49 -4.51 0.41 6.86
N LYS A 50 -3.72 -0.13 7.78
CA LYS A 50 -3.72 0.34 9.15
C LYS A 50 -2.49 1.21 9.41
N ILE A 51 -2.73 2.40 9.93
CA ILE A 51 -1.70 3.37 10.18
C ILE A 51 -1.84 3.83 11.60
N LEU A 52 -0.72 3.81 12.31
CA LEU A 52 -0.61 4.36 13.66
C LEU A 52 -0.23 5.83 13.56
N VAL A 53 -0.96 6.68 14.28
CA VAL A 53 -0.74 8.12 14.28
C VAL A 53 -0.19 8.50 15.62
N ILE A 54 0.85 9.30 15.65
CA ILE A 54 1.53 9.63 16.89
C ILE A 54 1.67 11.14 17.05
N GLY A 55 1.22 11.66 18.18
CA GLY A 55 1.35 13.07 18.44
C GLY A 55 1.88 13.28 19.85
N ARG A 56 2.01 14.54 20.23
CA ARG A 56 2.58 14.89 21.52
C ARG A 56 1.64 14.59 22.68
N ASP A 57 0.34 14.56 22.40
CA ASP A 57 -0.63 14.26 23.42
C ASP A 57 -2.00 13.96 22.82
N GLU A 58 -2.92 13.44 23.62
CA GLU A 58 -4.18 13.01 23.06
C GLU A 58 -4.99 14.15 22.44
N ARG A 59 -5.07 15.28 23.13
CA ARG A 59 -5.75 16.43 22.58
C ARG A 59 -5.34 16.62 21.13
N HIS A 60 -4.04 16.77 20.92
CA HIS A 60 -3.49 17.10 19.63
C HIS A 60 -3.67 15.98 18.58
N VAL A 61 -3.40 14.74 18.98
CA VAL A 61 -3.64 13.62 18.09
C VAL A 61 -5.10 13.56 17.65
N ASP A 62 -6.00 13.94 18.56
CA ASP A 62 -7.42 13.97 18.25
C ASP A 62 -7.71 15.00 17.17
N GLU A 63 -6.97 16.09 17.20
CA GLU A 63 -7.05 17.10 16.19
C GLU A 63 -6.69 16.52 14.85
N ILE A 64 -5.61 15.73 14.83
CA ILE A 64 -5.11 15.14 13.61
C ILE A 64 -6.10 14.15 13.10
N LEU A 65 -6.49 13.23 13.95
CA LEU A 65 -7.50 12.26 13.57
C LEU A 65 -8.76 12.88 12.97
N ASN A 66 -9.19 14.03 13.49
CA ASN A 66 -10.38 14.69 12.94
C ASN A 66 -10.18 15.27 11.53
N GLU A 67 -9.03 15.88 11.30
CA GLU A 67 -8.62 16.24 9.95
C GLU A 67 -8.59 15.03 9.00
N LEU A 68 -8.07 13.91 9.48
CA LEU A 68 -7.98 12.69 8.69
C LEU A 68 -9.36 12.13 8.46
N ARG A 69 -10.26 12.36 9.43
CA ARG A 69 -11.62 11.90 9.31
C ARG A 69 -12.38 12.70 8.23
N ASP A 70 -12.03 13.97 8.07
CA ASP A 70 -12.68 14.83 7.08
C ASP A 70 -12.17 14.59 5.68
N LEU A 71 -10.91 14.20 5.60
CA LEU A 71 -10.29 13.76 4.35
C LEU A 71 -11.02 12.57 3.75
N GLY A 72 -11.33 11.59 4.59
CA GLY A 72 -11.97 10.37 4.14
C GLY A 72 -13.41 10.62 3.75
N ALA A 73 -14.02 11.60 4.40
CA ALA A 73 -15.39 11.96 4.09
C ALA A 73 -15.48 12.66 2.74
N GLU A 74 -14.45 13.43 2.39
CA GLU A 74 -14.42 14.09 1.09
C GLU A 74 -14.17 13.05 -0.01
N ILE A 75 -13.03 12.37 0.01
CA ILE A 75 -12.74 11.37 -1.01
C ILE A 75 -13.73 10.21 -1.00
N PRO A 76 -14.45 10.03 -2.11
CA PRO A 76 -15.53 9.06 -2.28
C PRO A 76 -15.02 7.63 -2.42
N GLU A 77 -13.82 7.43 -2.96
CA GLU A 77 -13.35 6.07 -3.17
C GLU A 77 -12.93 5.40 -1.85
N ILE A 78 -12.79 6.18 -0.80
CA ILE A 78 -12.28 5.65 0.44
C ILE A 78 -13.03 6.09 1.68
N GLU A 79 -13.11 5.20 2.66
CA GLU A 79 -13.54 5.57 3.99
C GLU A 79 -12.43 5.36 5.01
N GLU A 80 -12.38 6.29 5.97
CA GLU A 80 -11.43 6.27 7.06
C GLU A 80 -12.20 5.92 8.37
N VAL A 81 -11.58 5.16 9.27
CA VAL A 81 -12.18 4.88 10.59
C VAL A 81 -11.09 4.75 11.63
N GLU A 82 -11.47 4.91 12.89
CA GLU A 82 -10.55 4.73 13.99
C GLU A 82 -10.66 3.32 14.53
N LEU A 83 -9.56 2.86 15.10
CA LEU A 83 -9.52 1.56 15.75
C LEU A 83 -9.28 1.75 17.25
N GLN A 84 -10.11 1.10 18.07
CA GLN A 84 -9.88 1.01 19.50
C GLN A 84 -8.80 -0.03 19.81
N PRO A 85 -7.79 0.39 20.60
CA PRO A 85 -6.72 -0.54 20.98
C PRO A 85 -7.22 -1.55 22.01
N ALA A 86 -6.68 -2.76 21.97
CA ALA A 86 -6.97 -3.70 23.03
C ALA A 86 -6.29 -3.25 24.30
N GLU A 87 -5.75 -2.04 24.32
CA GLU A 87 -5.09 -1.58 25.52
C GLU A 87 -5.53 -0.21 25.91
N LYS A 88 -5.73 -0.01 27.19
CA LYS A 88 -6.35 1.19 27.69
C LYS A 88 -5.41 2.37 27.53
N ASP A 89 -4.21 2.22 28.11
CA ASP A 89 -3.19 3.25 28.09
C ASP A 89 -2.47 3.32 26.76
N VAL A 91 -0.56 6.03 25.91
CA VAL A 91 0.42 7.08 26.10
C VAL A 91 1.84 6.54 26.31
N LEU A 92 2.82 7.24 25.78
CA LEU A 92 4.22 6.95 26.02
C LEU A 92 4.92 8.19 26.59
N PRO A 93 5.85 8.01 27.52
CA PRO A 93 6.57 9.17 28.06
C PRO A 93 7.83 9.48 27.23
N GLU A 94 8.46 10.61 27.53
CA GLU A 94 9.57 11.19 26.74
C GLU A 94 10.96 10.61 27.05
N GLY A 95 11.66 10.20 26.00
CA GLY A 95 12.74 9.22 26.12
C GLY A 95 12.52 8.30 24.93
N PHE A 96 13.30 7.25 24.78
CA PHE A 96 13.20 6.43 23.57
C PHE A 96 13.60 7.20 22.32
N TYR A 97 14.33 8.31 22.51
CA TYR A 97 14.74 9.22 21.40
C TYR A 97 13.53 9.60 20.56
N PHE B 2 2.58 -24.29 -12.00
CA PHE B 2 3.88 -23.66 -11.78
C PHE B 2 3.66 -22.25 -11.28
N ARG B 4 5.93 -18.53 -10.03
CA ARG B 4 7.14 -17.75 -9.75
C ARG B 4 6.80 -16.42 -9.04
N GLU B 5 7.72 -15.95 -8.18
CA GLU B 5 7.53 -14.69 -7.46
C GLU B 5 8.35 -13.58 -8.09
N ILE B 6 7.73 -12.45 -8.34
CA ILE B 6 8.42 -11.32 -8.92
C ILE B 6 8.26 -10.15 -7.98
N GLU B 7 9.08 -9.13 -8.14
CA GLU B 7 8.97 -7.94 -7.33
C GLU B 7 8.93 -6.70 -8.18
N LEU B 8 8.05 -5.76 -7.83
CA LEU B 8 7.98 -4.48 -8.48
C LEU B 8 8.49 -3.45 -7.51
N ARG B 9 9.53 -2.75 -7.91
CA ARG B 9 10.13 -1.77 -7.03
C ARG B 9 9.91 -0.43 -7.70
N GLY B 10 9.70 0.61 -6.91
CA GLY B 10 9.60 1.94 -7.46
C GLY B 10 8.43 2.74 -6.98
N HIS B 11 7.86 3.51 -7.89
CA HIS B 11 6.67 4.29 -7.58
C HIS B 11 5.40 3.48 -7.78
N ILE B 12 5.09 2.65 -6.79
CA ILE B 12 3.97 1.72 -6.84
C ILE B 12 2.65 2.41 -6.52
N ILE B 13 2.71 3.51 -5.78
CA ILE B 13 1.51 4.06 -5.15
C ILE B 13 0.51 4.74 -6.09
N ASP B 14 0.89 5.87 -6.67
CA ASP B 14 -0.07 6.58 -7.52
C ASP B 14 -0.03 6.19 -9.01
N SER B 15 0.46 4.98 -9.31
CA SER B 15 0.52 4.55 -10.71
C SER B 15 -0.49 3.46 -10.99
N LEU B 16 -0.62 3.10 -12.27
CA LEU B 16 -1.49 2.01 -12.64
C LEU B 16 -0.67 0.73 -12.90
N ILE B 17 0.60 0.74 -12.49
CA ILE B 17 1.45 -0.43 -12.61
C ILE B 17 0.77 -1.70 -12.12
N LEU B 18 0.22 -1.66 -10.92
CA LEU B 18 -0.38 -2.84 -10.30
C LEU B 18 -1.66 -3.25 -10.98
N PRO B 19 -2.58 -2.30 -11.17
CA PRO B 19 -3.79 -2.76 -11.86
C PRO B 19 -3.43 -3.37 -13.21
N LYS B 20 -2.56 -2.70 -13.96
CA LYS B 20 -2.13 -3.19 -15.26
C LYS B 20 -1.50 -4.58 -15.15
N VAL B 21 -0.57 -4.75 -14.22
CA VAL B 21 -0.02 -6.06 -13.96
C VAL B 21 -1.09 -7.09 -13.64
N PHE B 22 -2.01 -6.75 -12.74
CA PHE B 22 -3.05 -7.70 -12.35
C PHE B 22 -3.91 -8.08 -13.54
N ASP B 23 -4.26 -7.11 -14.36
CA ASP B 23 -5.07 -7.35 -15.56
C ASP B 23 -4.35 -8.25 -16.55
N LYS B 24 -3.04 -8.06 -16.68
CA LYS B 24 -2.27 -8.86 -17.62
C LYS B 24 -2.28 -10.29 -17.14
N ILE B 25 -1.83 -10.50 -15.92
CA ILE B 25 -1.81 -11.85 -15.37
C ILE B 25 -3.16 -12.57 -15.61
N LEU B 26 -4.26 -11.94 -15.19
CA LEU B 26 -5.57 -12.57 -15.33
C LEU B 26 -5.97 -12.72 -16.78
N ASP B 27 -5.78 -11.67 -17.58
CA ASP B 27 -6.01 -11.73 -19.02
C ASP B 27 -5.42 -12.95 -19.74
N GLY B 29 -4.90 -16.03 -18.30
CA GLY B 29 -5.25 -17.27 -17.64
C GLY B 29 -4.46 -17.61 -16.38
N GLY B 30 -3.70 -16.65 -15.87
CA GLY B 30 -3.01 -16.86 -14.61
C GLY B 30 -3.76 -16.31 -13.42
N ASP B 31 -3.13 -16.41 -12.25
CA ASP B 31 -3.62 -15.74 -11.06
C ASP B 31 -2.45 -15.22 -10.23
N TYR B 32 -2.71 -14.30 -9.31
CA TYR B 32 -1.65 -13.76 -8.49
C TYR B 32 -2.05 -13.73 -7.03
N LYS B 33 -1.06 -13.62 -6.17
CA LYS B 33 -1.25 -13.30 -4.76
C LYS B 33 -0.17 -12.32 -4.41
N VAL B 34 -0.54 -11.20 -3.80
CA VAL B 34 0.44 -10.23 -3.31
C VAL B 34 0.99 -10.66 -1.95
N LEU B 35 2.22 -11.16 -1.96
CA LEU B 35 2.78 -11.79 -0.77
C LEU B 35 3.41 -10.79 0.20
N GLU B 36 4.02 -9.75 -0.36
CA GLU B 36 4.55 -8.63 0.41
C GLU B 36 4.26 -7.31 -0.27
N PHE B 37 4.05 -6.29 0.54
CA PHE B 37 3.86 -4.93 0.07
C PHE B 37 4.39 -4.00 1.13
N GLU B 38 5.42 -3.23 0.79
CA GLU B 38 6.00 -2.25 1.68
C GLU B 38 5.92 -0.88 1.05
N ILE B 39 5.21 0.04 1.68
CA ILE B 39 5.11 1.40 1.17
C ILE B 39 6.39 2.18 1.41
N GLY B 40 6.75 3.05 0.46
CA GLY B 40 7.89 3.92 0.60
C GLY B 40 7.90 4.61 1.96
N LYS B 41 8.93 4.30 2.75
CA LYS B 41 9.08 4.75 4.16
C LYS B 41 8.59 6.17 4.48
N ARG B 42 9.12 7.16 3.77
CA ARG B 42 8.53 8.49 3.70
C ARG B 42 7.81 8.61 2.36
N LYS B 43 7.03 9.67 2.16
CA LYS B 43 6.45 9.93 0.86
C LYS B 43 7.55 10.37 -0.13
N THR B 44 8.66 9.62 -0.15
CA THR B 44 9.82 9.95 -0.97
C THR B 44 10.52 8.72 -1.57
N ASP B 45 10.48 7.60 -0.85
CA ASP B 45 11.26 6.42 -1.19
C ASP B 45 10.53 5.40 -2.11
N PRO B 46 11.23 4.31 -2.47
CA PRO B 46 10.55 3.35 -3.34
C PRO B 46 9.80 2.32 -2.50
N SER B 47 8.50 2.23 -2.74
CA SER B 47 7.74 1.12 -2.24
C SER B 47 8.08 -0.10 -3.08
N TYR B 48 7.65 -1.28 -2.62
CA TYR B 48 7.78 -2.46 -3.45
C TYR B 48 6.70 -3.47 -3.17
N ALA B 49 6.47 -4.36 -4.12
CA ALA B 49 5.46 -5.37 -3.95
C ALA B 49 6.00 -6.69 -4.46
N LYS B 50 5.90 -7.73 -3.65
CA LYS B 50 6.27 -9.05 -4.10
C LYS B 50 5.02 -9.78 -4.53
N ILE B 51 4.93 -10.10 -5.81
CA ILE B 51 3.74 -10.76 -6.36
C ILE B 51 4.03 -12.17 -6.74
N LEU B 52 3.18 -13.08 -6.30
CA LEU B 52 3.34 -14.47 -6.66
C LEU B 52 2.44 -14.74 -7.83
N VAL B 53 3.02 -15.16 -8.97
CA VAL B 53 2.25 -15.45 -10.19
C VAL B 53 2.06 -16.94 -10.34
N ILE B 54 0.81 -17.38 -10.60
CA ILE B 54 0.46 -18.80 -10.61
C ILE B 54 -0.15 -19.26 -11.93
N GLY B 55 0.36 -20.35 -12.47
CA GLY B 55 -0.02 -20.81 -13.80
C GLY B 55 -0.18 -22.31 -13.89
N ARG B 56 -0.58 -22.79 -15.06
CA ARG B 56 -0.74 -24.22 -15.32
C ARG B 56 0.62 -24.87 -15.27
N ASP B 57 1.59 -24.25 -15.95
CA ASP B 57 2.92 -24.80 -16.14
C ASP B 57 3.96 -23.73 -16.48
N GLU B 58 5.23 -24.11 -16.43
CA GLU B 58 6.33 -23.16 -16.51
C GLU B 58 6.33 -22.31 -17.79
N ARG B 59 6.00 -22.92 -18.92
CA ARG B 59 5.99 -22.18 -20.17
C ARG B 59 4.86 -21.16 -20.17
N HIS B 60 3.73 -21.58 -19.63
CA HIS B 60 2.57 -20.72 -19.43
C HIS B 60 2.95 -19.50 -18.59
N VAL B 61 3.37 -19.75 -17.35
CA VAL B 61 3.78 -18.70 -16.41
C VAL B 61 4.82 -17.74 -16.99
N ASP B 62 5.81 -18.30 -17.66
CA ASP B 62 6.90 -17.49 -18.19
C ASP B 62 6.48 -16.58 -19.32
N GLU B 63 5.49 -17.02 -20.08
CA GLU B 63 4.87 -16.23 -21.11
C GLU B 63 4.23 -15.00 -20.48
N ILE B 64 3.64 -15.20 -19.30
CA ILE B 64 3.11 -14.11 -18.52
C ILE B 64 4.23 -13.22 -18.00
N LEU B 65 5.22 -13.83 -17.37
CA LEU B 65 6.39 -13.10 -16.91
C LEU B 65 6.89 -12.11 -17.94
N ASN B 66 7.20 -12.62 -19.14
CA ASN B 66 7.75 -11.79 -20.20
C ASN B 66 6.89 -10.58 -20.56
N GLU B 67 5.59 -10.80 -20.57
CA GLU B 67 4.64 -9.72 -20.76
C GLU B 67 4.69 -8.74 -19.58
N LEU B 68 4.88 -9.26 -18.37
CA LEU B 68 5.05 -8.40 -17.22
C LEU B 68 6.32 -7.58 -17.33
N ARG B 69 7.37 -8.13 -17.93
CA ARG B 69 8.55 -7.31 -18.17
C ARG B 69 8.24 -6.17 -19.15
N ASP B 70 7.46 -6.46 -20.19
CA ASP B 70 7.13 -5.45 -21.18
C ASP B 70 6.36 -4.28 -20.57
N LEU B 71 5.43 -4.58 -19.68
CA LEU B 71 4.73 -3.56 -18.91
C LEU B 71 5.68 -2.73 -18.04
N GLY B 72 6.59 -3.41 -17.35
CA GLY B 72 7.57 -2.71 -16.54
C GLY B 72 8.23 -1.58 -17.32
N ALA B 73 8.57 -1.87 -18.57
CA ALA B 73 9.19 -0.87 -19.44
C ALA B 73 8.35 0.39 -19.62
N GLU B 74 7.21 0.26 -20.30
CA GLU B 74 6.37 1.41 -20.59
C GLU B 74 6.08 2.29 -19.36
N ILE B 75 5.42 1.75 -18.35
CA ILE B 75 5.17 2.52 -17.13
C ILE B 75 6.48 3.04 -16.52
N PRO B 76 6.53 4.34 -16.22
CA PRO B 76 7.79 4.99 -15.84
C PRO B 76 8.14 4.78 -14.37
N GLU B 77 9.42 4.61 -14.07
CA GLU B 77 9.92 4.64 -12.69
C GLU B 77 9.62 3.38 -11.86
N ILE B 78 9.34 2.29 -12.55
CA ILE B 78 9.17 1.02 -11.87
C ILE B 78 10.19 -0.02 -12.37
N GLU B 79 10.92 -0.57 -11.42
CA GLU B 79 11.95 -1.59 -11.64
C GLU B 79 11.42 -2.99 -11.32
N GLU B 80 11.71 -3.96 -12.17
CA GLU B 80 11.35 -5.30 -11.78
C GLU B 80 12.55 -6.09 -11.26
N VAL B 81 12.37 -6.80 -10.17
CA VAL B 81 13.48 -7.54 -9.59
C VAL B 81 13.20 -9.02 -9.63
N GLU B 82 14.18 -9.83 -10.04
CA GLU B 82 14.00 -11.29 -10.04
C GLU B 82 14.46 -11.85 -8.71
N LEU B 83 13.66 -12.74 -8.15
CA LEU B 83 13.92 -13.24 -6.80
C LEU B 83 14.53 -14.62 -6.89
N GLN B 84 14.16 -15.34 -7.95
CA GLN B 84 14.53 -16.75 -8.04
C GLN B 84 15.43 -17.04 -9.25
N PRO B 85 15.70 -18.33 -9.53
CA PRO B 85 16.94 -18.57 -10.29
C PRO B 85 16.82 -18.27 -11.79
N ALA B 86 17.14 -17.03 -12.17
CA ALA B 86 17.18 -16.63 -13.58
C ALA B 86 18.61 -16.78 -14.09
#